data_1ZV9
#
_entry.id   1ZV9
#
_cell.length_a   53.858
_cell.length_b   53.858
_cell.length_c   111.964
_cell.angle_alpha   90.00
_cell.angle_beta   90.00
_cell.angle_gamma   120.00
#
_symmetry.space_group_name_H-M   'P 31 2 1'
#
loop_
_entity.id
_entity.type
_entity.pdbx_description
1 polymer 'Cellulosomal scaffoldin adaptor protein B'
2 non-polymer 'NITRATE ION'
3 non-polymer 1,2-ETHANEDIOL
4 non-polymer 1,3-PROPANDIOL
5 non-polymer 'FORMIC ACID'
6 non-polymer 'ACETIC ACID'
7 water water
#
_entity_poly.entity_id   1
_entity_poly.type   'polypeptide(L)'
_entity_poly.pdbx_seq_one_letter_code
;APTSSIEIVLDKTTASVGEIVTASINIKNITNFSGCQLN(MSE)KYDPAVLQPVTSSGVAYTKST(MSE)PGAGTILNSD
FNLRQVADNDLEKGILNFSKAYVSLDDYRTAAAPEQTGTVAVVKFKVLKEETSSISFEDTTSVPNAIDGTVLFDWNGDRI
QSGYSVIQPAVINLD(MSE)IKAS
;
_entity_poly.pdbx_strand_id   A
#
# COMPACT_ATOMS: atom_id res chain seq x y z
N ALA A 1 5.90 14.06 13.48
CA ALA A 1 5.96 13.22 12.25
C ALA A 1 6.42 14.06 11.05
N PRO A 2 6.96 13.42 10.00
CA PRO A 2 7.29 14.15 8.77
C PRO A 2 6.08 14.91 8.20
N THR A 3 6.32 16.05 7.54
CA THR A 3 5.24 16.81 6.91
C THR A 3 4.55 15.98 5.84
N SER A 4 5.36 15.32 5.00
CA SER A 4 4.87 14.52 3.86
C SER A 4 5.41 13.11 3.97
N SER A 5 4.54 12.12 3.74
CA SER A 5 4.93 10.75 3.97
C SER A 5 3.99 9.73 3.32
N ILE A 6 4.47 8.50 3.23
CA ILE A 6 3.66 7.31 3.03
C ILE A 6 4.04 6.31 4.11
N GLU A 7 3.04 5.62 4.67
CA GLU A 7 3.25 4.68 5.78
C GLU A 7 2.29 3.52 5.66
N ILE A 8 2.75 2.32 6.03
CA ILE A 8 1.91 1.13 6.23
C ILE A 8 1.55 1.11 7.70
N VAL A 9 0.27 1.36 7.99
CA VAL A 9 -0.21 1.49 9.35
C VAL A 9 -1.07 0.26 9.69
N LEU A 10 -0.70 -0.47 10.73
CA LEU A 10 -1.48 -1.63 11.15
C LEU A 10 -2.51 -1.24 12.22
N ASP A 11 -3.65 -1.94 12.22
CA ASP A 11 -4.67 -1.69 13.25
C ASP A 11 -4.38 -2.40 14.58
N LYS A 12 -3.40 -3.29 14.61
CA LYS A 12 -3.05 -4.07 15.79
C LYS A 12 -1.54 -4.07 15.98
N THR A 13 -1.14 -4.14 17.23
CA THR A 13 0.25 -4.33 17.63
C THR A 13 0.60 -5.80 17.86
N THR A 14 -0.34 -6.55 18.41
CA THR A 14 -0.18 -7.97 18.71
C THR A 14 -1.30 -8.72 18.02
N ALA A 15 -1.06 -10.01 17.75
CA ALA A 15 -2.09 -10.84 17.13
C ALA A 15 -1.81 -12.31 17.35
N SER A 16 -2.87 -13.05 17.64
CA SER A 16 -2.83 -14.50 17.74
C SER A 16 -3.14 -15.15 16.40
N VAL A 17 -2.77 -16.42 16.28
CA VAL A 17 -3.10 -17.20 15.09
C VAL A 17 -4.62 -17.14 14.89
N GLY A 18 -5.02 -16.83 13.67
CA GLY A 18 -6.44 -16.77 13.32
C GLY A 18 -7.07 -15.41 13.29
N GLU A 19 -6.38 -14.42 13.82
CA GLU A 19 -6.84 -13.03 13.76
C GLU A 19 -6.58 -12.42 12.38
N ILE A 20 -7.29 -11.35 12.07
CA ILE A 20 -7.05 -10.53 10.89
C ILE A 20 -6.32 -9.27 11.35
N VAL A 21 -5.25 -8.92 10.63
CA VAL A 21 -4.54 -7.65 10.81
C VAL A 21 -4.79 -6.83 9.54
N THR A 22 -5.20 -5.57 9.73
CA THR A 22 -5.51 -4.70 8.61
C THR A 22 -4.38 -3.68 8.45
N ALA A 23 -3.79 -3.69 7.26
CA ALA A 23 -2.75 -2.76 6.87
C ALA A 23 -3.36 -1.65 5.99
N SER A 24 -3.30 -0.42 6.50
CA SER A 24 -3.78 0.76 5.79
C SER A 24 -2.57 1.50 5.22
N ILE A 25 -2.58 1.74 3.92
CA ILE A 25 -1.51 2.47 3.29
C ILE A 25 -1.92 3.94 3.24
N ASN A 26 -1.27 4.72 4.09
CA ASN A 26 -1.66 6.09 4.34
C ASN A 26 -0.63 7.07 3.81
N ILE A 27 -1.10 8.07 3.05
CA ILE A 27 -0.24 9.16 2.63
C ILE A 27 -0.63 10.43 3.38
N LYS A 28 0.34 11.35 3.49
CA LYS A 28 0.10 12.64 4.14
C LYS A 28 0.80 13.71 3.34
N ASN A 29 0.04 14.76 3.00
CA ASN A 29 0.58 15.95 2.33
C ASN A 29 1.44 15.65 1.11
N ILE A 30 0.93 14.83 0.21
CA ILE A 30 1.61 14.56 -1.05
C ILE A 30 1.02 15.51 -2.10
N THR A 31 1.81 16.51 -2.48
CA THR A 31 1.31 17.63 -3.27
C THR A 31 0.72 17.17 -4.60
N ASN A 32 -0.54 17.53 -4.82
CA ASN A 32 -1.25 17.26 -6.09
C ASN A 32 -1.26 15.77 -6.43
N PHE A 33 -1.29 14.92 -5.42
CA PHE A 33 -1.28 13.46 -5.62
C PHE A 33 -2.40 12.97 -6.52
N SER A 34 -2.08 12.08 -7.48
CA SER A 34 -3.07 11.49 -8.35
C SER A 34 -3.03 9.97 -8.43
N GLY A 35 -2.03 9.32 -7.86
CA GLY A 35 -1.90 7.89 -8.01
C GLY A 35 -0.55 7.36 -7.60
N CYS A 36 -0.44 6.05 -7.60
CA CYS A 36 0.74 5.42 -7.08
C CYS A 36 0.98 4.03 -7.71
N GLN A 37 2.22 3.60 -7.63
CA GLN A 37 2.59 2.21 -7.86
C GLN A 37 3.45 1.79 -6.68
N LEU A 38 3.08 0.68 -6.05
CA LEU A 38 3.68 0.22 -4.82
C LEU A 38 4.05 -1.26 -4.89
N ASN A 39 5.20 -1.58 -4.30
CA ASN A 39 5.72 -2.95 -4.24
C ASN A 39 5.89 -3.33 -2.79
N LYS A 41 6.14 -6.09 0.44
CA LYS A 41 6.66 -7.41 0.80
C LYS A 41 6.18 -7.81 2.19
N TYR A 42 5.68 -9.05 2.31
CA TYR A 42 5.27 -9.66 3.55
C TYR A 42 5.80 -11.11 3.53
N ASP A 43 5.82 -11.75 4.69
CA ASP A 43 6.27 -13.13 4.81
C ASP A 43 5.07 -14.05 4.64
N PRO A 44 5.02 -14.79 3.51
CA PRO A 44 3.83 -15.59 3.25
C PRO A 44 3.68 -16.82 4.14
N ALA A 45 4.69 -17.16 4.95
CA ALA A 45 4.54 -18.18 5.97
C ALA A 45 3.81 -17.65 7.21
N VAL A 46 3.76 -16.33 7.39
CA VAL A 46 3.18 -15.70 8.57
C VAL A 46 1.85 -15.02 8.32
N LEU A 47 1.67 -14.41 7.13
CA LEU A 47 0.48 -13.65 6.81
C LEU A 47 -0.08 -14.08 5.45
N GLN A 48 -1.41 -14.10 5.32
CA GLN A 48 -2.10 -14.46 4.06
C GLN A 48 -3.08 -13.34 3.72
N PRO A 49 -2.88 -12.65 2.57
CA PRO A 49 -3.81 -11.57 2.20
C PRO A 49 -5.14 -12.11 1.71
N VAL A 50 -6.21 -11.48 2.20
CA VAL A 50 -7.57 -11.84 1.84
C VAL A 50 -8.36 -10.57 1.57
N THR A 51 -9.31 -10.67 0.64
CA THR A 51 -10.18 -9.54 0.34
C THR A 51 -11.14 -9.26 1.52
N SER A 52 -11.90 -8.18 1.41
CA SER A 52 -12.87 -7.83 2.43
C SER A 52 -13.94 -8.90 2.63
N SER A 53 -14.18 -9.73 1.62
CA SER A 53 -15.12 -10.85 1.70
C SER A 53 -14.45 -12.19 2.05
N GLY A 54 -13.16 -12.16 2.32
CA GLY A 54 -12.41 -13.33 2.78
C GLY A 54 -11.70 -14.15 1.71
N VAL A 55 -11.71 -13.69 0.47
CA VAL A 55 -11.16 -14.46 -0.63
C VAL A 55 -9.63 -14.28 -0.71
N ALA A 56 -8.87 -15.38 -0.80
CA ALA A 56 -7.43 -15.32 -0.92
C ALA A 56 -7.07 -14.53 -2.17
N TYR A 57 -6.07 -13.66 -2.09
CA TYR A 57 -5.63 -12.94 -3.27
C TYR A 57 -5.11 -13.91 -4.34
N THR A 58 -5.32 -13.52 -5.59
CA THR A 58 -4.67 -14.12 -6.75
C THR A 58 -3.69 -13.09 -7.35
N LYS A 59 -3.04 -13.45 -8.45
CA LYS A 59 -2.04 -12.58 -9.05
CA LYS A 59 -2.07 -12.60 -9.13
C LYS A 59 -2.59 -11.20 -9.44
N SER A 60 -3.88 -11.13 -9.79
CA SER A 60 -4.48 -9.88 -10.24
C SER A 60 -5.32 -9.14 -9.20
N THR A 61 -5.37 -9.62 -7.96
CA THR A 61 -6.23 -9.01 -6.95
C THR A 61 -5.66 -7.67 -6.49
N PRO A 63 -5.73 -4.43 -3.70
CA PRO A 63 -6.11 -4.15 -2.34
C PRO A 63 -7.52 -3.57 -2.25
N GLY A 64 -8.07 -3.58 -1.04
CA GLY A 64 -9.34 -2.93 -0.78
C GLY A 64 -9.27 -1.44 -0.85
N ALA A 65 -10.45 -0.83 -0.99
CA ALA A 65 -10.59 0.60 -1.00
C ALA A 65 -10.22 1.20 0.34
N GLY A 66 -9.60 2.38 0.28
CA GLY A 66 -9.33 3.22 1.44
C GLY A 66 -10.29 4.38 1.49
N THR A 67 -9.77 5.57 1.79
CA THR A 67 -10.54 6.79 1.93
C THR A 67 -10.29 7.83 0.83
N ILE A 68 -9.29 7.57 -0.03
CA ILE A 68 -9.01 8.40 -1.21
C ILE A 68 -8.71 7.43 -2.37
N LEU A 69 -8.62 7.96 -3.58
CA LEU A 69 -8.54 7.14 -4.80
C LEU A 69 -9.78 6.28 -4.99
N ASN A 70 -10.93 6.81 -4.56
CA ASN A 70 -12.22 6.15 -4.71
C ASN A 70 -13.16 6.90 -5.63
N SER A 71 -12.70 7.97 -6.25
CA SER A 71 -13.55 8.79 -7.07
C SER A 71 -13.49 8.37 -8.53
N ASP A 72 -14.56 8.67 -9.25
CA ASP A 72 -14.62 8.29 -10.65
C ASP A 72 -13.98 9.31 -11.58
N PHE A 73 -12.65 9.43 -11.46
CA PHE A 73 -11.84 10.11 -12.44
C PHE A 73 -11.16 9.03 -13.29
N ASN A 74 -11.93 8.00 -13.66
CA ASN A 74 -11.48 6.85 -14.41
C ASN A 74 -10.26 6.21 -13.78
N LEU A 75 -10.48 5.56 -12.65
CA LEU A 75 -9.38 4.92 -11.92
C LEU A 75 -8.82 3.74 -12.72
N ARG A 76 -7.50 3.73 -12.88
CA ARG A 76 -6.77 2.60 -13.41
C ARG A 76 -6.20 1.76 -12.27
N GLN A 77 -6.50 0.47 -12.26
CA GLN A 77 -6.09 -0.48 -11.24
C GLN A 77 -5.51 -1.70 -11.89
N VAL A 78 -4.23 -1.94 -11.66
CA VAL A 78 -3.56 -3.14 -12.18
C VAL A 78 -2.69 -3.73 -11.07
N ALA A 79 -2.84 -5.02 -10.80
CA ALA A 79 -2.02 -5.76 -9.84
C ALA A 79 -1.26 -6.87 -10.55
N ASP A 80 -0.07 -7.16 -10.02
CA ASP A 80 0.77 -8.26 -10.46
C ASP A 80 1.48 -8.83 -9.25
N ASN A 81 0.76 -9.65 -8.51
CA ASN A 81 1.23 -10.15 -7.23
C ASN A 81 1.98 -11.47 -7.39
N ASP A 82 2.87 -11.76 -6.45
CA ASP A 82 3.51 -13.07 -6.33
C ASP A 82 3.22 -13.59 -4.94
N LEU A 83 2.23 -14.46 -4.84
CA LEU A 83 1.74 -14.88 -3.53
C LEU A 83 2.65 -15.92 -2.90
N GLU A 84 3.45 -16.58 -3.72
CA GLU A 84 4.42 -17.53 -3.21
C GLU A 84 5.62 -16.82 -2.55
N LYS A 85 6.02 -15.66 -3.06
CA LYS A 85 7.14 -14.89 -2.48
C LYS A 85 6.69 -13.87 -1.44
N GLY A 86 5.40 -13.56 -1.44
CA GLY A 86 4.86 -12.54 -0.57
C GLY A 86 5.03 -11.12 -1.07
N ILE A 87 4.69 -10.91 -2.33
CA ILE A 87 4.81 -9.60 -2.98
C ILE A 87 3.45 -9.18 -3.50
N LEU A 88 2.99 -8.00 -3.07
CA LEU A 88 1.85 -7.34 -3.67
C LEU A 88 2.39 -6.17 -4.45
N ASN A 89 2.12 -6.15 -5.74
CA ASN A 89 2.55 -5.06 -6.60
C ASN A 89 1.35 -4.52 -7.29
N PHE A 90 1.01 -3.26 -7.04
CA PHE A 90 -0.21 -2.70 -7.60
C PHE A 90 -0.03 -1.26 -7.99
N SER A 91 -0.80 -0.88 -8.98
CA SER A 91 -0.85 0.49 -9.49
CA SER A 91 -0.84 0.50 -9.48
C SER A 91 -2.30 0.94 -9.39
N LYS A 92 -2.50 2.16 -8.88
CA LYS A 92 -3.83 2.70 -8.67
CA LYS A 92 -3.84 2.70 -8.68
C LYS A 92 -3.74 4.20 -8.91
N ALA A 93 -4.40 4.71 -9.96
CA ALA A 93 -4.19 6.12 -10.34
C ALA A 93 -5.38 6.62 -11.15
N TYR A 94 -5.70 7.90 -10.99
CA TYR A 94 -6.69 8.54 -11.82
C TYR A 94 -6.14 8.79 -13.23
N VAL A 95 -6.95 8.47 -14.23
CA VAL A 95 -6.62 8.66 -15.64
C VAL A 95 -7.21 9.96 -16.21
N SER A 96 -8.37 10.38 -15.72
CA SER A 96 -9.01 11.60 -16.21
C SER A 96 -8.41 12.80 -15.48
N LEU A 97 -7.15 13.10 -15.80
CA LEU A 97 -6.40 14.10 -15.05
C LEU A 97 -6.85 15.54 -15.33
N ASP A 98 -7.33 15.84 -16.53
CA ASP A 98 -7.94 17.16 -16.83
CA ASP A 98 -7.89 17.15 -16.78
C ASP A 98 -9.07 17.38 -15.85
N ASP A 99 -9.99 16.42 -15.77
CA ASP A 99 -11.13 16.54 -14.87
C ASP A 99 -10.66 16.63 -13.41
N TYR A 100 -9.67 15.81 -13.05
CA TYR A 100 -9.18 15.83 -11.67
C TYR A 100 -8.58 17.20 -11.33
N ARG A 101 -7.71 17.73 -12.18
CA ARG A 101 -7.16 19.06 -11.94
C ARG A 101 -8.27 20.11 -11.86
N THR A 102 -9.27 19.98 -12.72
CA THR A 102 -10.39 20.94 -12.77
C THR A 102 -11.16 20.99 -11.44
N ALA A 103 -11.30 19.84 -10.80
CA ALA A 103 -11.96 19.75 -9.51
C ALA A 103 -11.22 20.54 -8.41
N ALA A 104 -9.92 20.72 -8.58
CA ALA A 104 -9.13 21.64 -7.74
C ALA A 104 -9.21 21.27 -6.27
N ALA A 105 -9.17 19.97 -5.99
CA ALA A 105 -9.30 19.49 -4.61
C ALA A 105 -8.46 18.21 -4.49
N PRO A 106 -7.14 18.34 -4.66
CA PRO A 106 -6.34 17.12 -4.75
C PRO A 106 -6.36 16.32 -3.46
N GLU A 107 -6.35 15.00 -3.60
CA GLU A 107 -6.36 14.08 -2.45
C GLU A 107 -4.94 13.83 -1.96
N GLN A 108 -4.42 14.78 -1.17
CA GLN A 108 -3.03 14.80 -0.75
C GLN A 108 -2.76 13.96 0.51
N THR A 109 -3.84 13.63 1.23
CA THR A 109 -3.78 12.92 2.51
C THR A 109 -4.93 11.91 2.55
N GLY A 110 -4.63 10.70 2.97
CA GLY A 110 -5.64 9.67 3.14
C GLY A 110 -5.10 8.27 2.97
N THR A 111 -6.01 7.30 3.04
CA THR A 111 -5.68 5.90 2.90
C THR A 111 -5.93 5.52 1.44
N VAL A 112 -4.86 5.15 0.73
CA VAL A 112 -4.96 4.83 -0.69
C VAL A 112 -5.40 3.40 -0.96
N ALA A 113 -5.22 2.52 0.04
CA ALA A 113 -5.48 1.08 -0.14
C ALA A 113 -5.41 0.43 1.23
N VAL A 114 -6.13 -0.68 1.37
CA VAL A 114 -6.18 -1.47 2.61
C VAL A 114 -5.93 -2.93 2.24
N VAL A 115 -5.04 -3.60 2.97
CA VAL A 115 -4.83 -5.03 2.80
C VAL A 115 -5.09 -5.73 4.12
N LYS A 116 -6.01 -6.69 4.08
CA LYS A 116 -6.33 -7.53 5.24
C LYS A 116 -5.50 -8.79 5.17
N PHE A 117 -4.89 -9.15 6.29
CA PHE A 117 -4.06 -10.35 6.39
C PHE A 117 -4.55 -11.28 7.49
N LYS A 118 -4.73 -12.55 7.14
CA LYS A 118 -4.92 -13.61 8.14
CA LYS A 118 -4.91 -13.63 8.10
C LYS A 118 -3.55 -13.90 8.78
N VAL A 119 -3.52 -13.98 10.12
CA VAL A 119 -2.32 -14.29 10.86
C VAL A 119 -2.19 -15.81 10.96
N LEU A 120 -1.13 -16.36 10.36
CA LEU A 120 -0.90 -17.79 10.27
C LEU A 120 0.01 -18.27 11.42
N LYS A 121 0.94 -17.41 11.87
CA LYS A 121 1.87 -17.77 12.92
C LYS A 121 1.99 -16.58 13.85
N GLU A 122 2.20 -16.87 15.15
CA GLU A 122 2.39 -15.85 16.19
C GLU A 122 3.89 -15.69 16.36
N GLU A 123 4.46 -14.77 15.59
CA GLU A 123 5.86 -14.40 15.61
C GLU A 123 6.06 -13.02 15.00
N THR A 124 7.15 -12.37 15.36
CA THR A 124 7.46 -11.07 14.81
C THR A 124 7.53 -11.17 13.27
N SER A 125 6.87 -10.24 12.59
CA SER A 125 6.86 -10.25 11.14
C SER A 125 6.61 -8.83 10.62
N SER A 126 7.23 -8.50 9.49
CA SER A 126 7.18 -7.13 8.99
C SER A 126 6.52 -7.06 7.61
N ILE A 127 6.01 -5.87 7.31
CA ILE A 127 5.43 -5.55 6.01
C ILE A 127 6.09 -4.24 5.59
N SER A 128 6.69 -4.23 4.40
CA SER A 128 7.45 -3.08 3.95
C SER A 128 7.34 -2.91 2.46
N PHE A 129 7.54 -1.68 2.00
CA PHE A 129 7.74 -1.45 0.57
C PHE A 129 9.21 -1.75 0.26
N GLU A 130 9.46 -2.37 -0.88
CA GLU A 130 10.80 -2.79 -1.26
C GLU A 130 11.05 -2.48 -2.73
N ASP A 131 12.27 -2.09 -3.04
CA ASP A 131 12.65 -1.83 -4.45
C ASP A 131 12.61 -3.14 -5.23
N THR A 132 12.32 -3.03 -6.53
CA THR A 132 12.21 -4.19 -7.43
C THR A 132 12.72 -3.76 -8.78
N THR A 133 13.44 -4.64 -9.48
CA THR A 133 13.98 -4.33 -10.81
C THR A 133 12.88 -3.98 -11.83
N SER A 134 11.68 -4.50 -11.63
CA SER A 134 10.55 -4.19 -12.51
C SER A 134 10.04 -2.75 -12.37
N VAL A 135 10.55 -2.01 -11.38
CA VAL A 135 10.18 -0.61 -11.15
C VAL A 135 11.42 0.22 -10.72
N PRO A 136 12.34 0.50 -11.66
CA PRO A 136 13.65 1.08 -11.30
C PRO A 136 13.68 2.47 -10.65
N ASN A 137 12.68 3.32 -10.91
CA ASN A 137 12.66 4.68 -10.33
C ASN A 137 11.90 4.79 -8.99
N ALA A 138 11.72 3.68 -8.29
CA ALA A 138 11.03 3.69 -7.00
C ALA A 138 11.88 4.32 -5.89
N ILE A 139 11.20 4.93 -4.90
CA ILE A 139 11.83 5.42 -3.68
C ILE A 139 11.42 4.43 -2.59
N ASP A 140 12.35 3.57 -2.21
CA ASP A 140 12.09 2.51 -1.24
C ASP A 140 10.79 1.76 -1.60
N GLY A 141 10.66 1.39 -2.87
CA GLY A 141 9.51 0.61 -3.32
C GLY A 141 8.22 1.36 -3.62
N THR A 142 8.33 2.68 -3.67
CA THR A 142 7.14 3.54 -3.86
C THR A 142 7.34 4.50 -5.04
N VAL A 143 6.29 4.63 -5.85
CA VAL A 143 6.23 5.64 -6.91
C VAL A 143 4.92 6.38 -6.72
N LEU A 144 5.03 7.69 -6.47
CA LEU A 144 3.86 8.55 -6.32
C LEU A 144 3.83 9.53 -7.48
N PHE A 145 2.64 9.81 -8.00
CA PHE A 145 2.44 10.69 -9.16
C PHE A 145 1.63 11.90 -8.81
N ASP A 146 1.92 13.04 -9.44
CA ASP A 146 1.07 14.20 -9.30
C ASP A 146 0.02 14.24 -10.40
N TRP A 147 -0.81 15.29 -10.37
CA TRP A 147 -1.94 15.36 -11.27
C TRP A 147 -1.65 15.87 -12.67
N ASN A 148 -0.37 16.05 -12.99
CA ASN A 148 0.09 16.20 -14.36
C ASN A 148 0.67 14.88 -14.89
N GLY A 149 0.65 13.83 -14.06
CA GLY A 149 1.20 12.55 -14.43
C GLY A 149 2.71 12.40 -14.19
N ASP A 150 3.30 13.37 -13.51
CA ASP A 150 4.74 13.36 -13.25
C ASP A 150 5.04 12.66 -11.94
N ARG A 151 6.12 11.89 -11.92
CA ARG A 151 6.58 11.25 -10.72
C ARG A 151 7.08 12.28 -9.70
N ILE A 152 6.74 12.06 -8.43
CA ILE A 152 7.16 12.89 -7.32
C ILE A 152 8.50 12.31 -6.81
N GLN A 153 9.60 13.01 -7.05
CA GLN A 153 10.95 12.44 -6.93
C GLN A 153 11.61 12.66 -5.58
N SER A 154 10.99 13.43 -4.71
CA SER A 154 11.57 13.78 -3.42
C SER A 154 10.51 14.36 -2.50
N GLY A 155 10.90 14.51 -1.22
CA GLY A 155 10.20 15.36 -0.26
C GLY A 155 9.21 14.64 0.64
N TYR A 156 9.04 13.32 0.44
CA TYR A 156 8.19 12.53 1.31
C TYR A 156 8.99 11.40 1.96
N SER A 157 8.68 11.12 3.22
CA SER A 157 9.28 10.04 3.96
C SER A 157 8.52 8.75 3.65
N VAL A 158 9.25 7.64 3.51
CA VAL A 158 8.67 6.31 3.46
C VAL A 158 8.88 5.71 4.86
N ILE A 159 7.81 5.73 5.65
CA ILE A 159 7.88 5.40 7.06
C ILE A 159 7.66 3.92 7.20
N GLN A 160 8.69 3.26 7.69
CA GLN A 160 8.64 1.81 7.82
C GLN A 160 9.67 1.33 8.85
N PRO A 161 9.61 0.06 9.26
CA PRO A 161 8.67 -0.98 8.83
C PRO A 161 7.40 -1.03 9.65
N ALA A 162 6.34 -1.62 9.10
CA ALA A 162 5.22 -2.05 9.90
C ALA A 162 5.53 -3.43 10.44
N VAL A 163 5.32 -3.65 11.74
CA VAL A 163 5.64 -4.92 12.37
C VAL A 163 4.49 -5.39 13.26
N ILE A 164 4.11 -6.67 13.10
CA ILE A 164 3.13 -7.30 13.98
C ILE A 164 3.93 -8.14 14.98
N ASN A 165 3.48 -8.16 16.22
CA ASN A 165 4.09 -8.96 17.29
C ASN A 165 5.56 -8.61 17.50
N LEU A 166 5.85 -7.32 17.47
CA LEU A 166 7.20 -6.86 17.71
C LEU A 166 7.74 -7.32 19.05
N ASP A 167 6.88 -7.41 20.05
CA ASP A 167 7.33 -7.82 21.38
C ASP A 167 7.92 -9.24 21.43
N ILE A 169 10.25 -10.30 19.30
CA ILE A 169 11.38 -10.23 18.35
C ILE A 169 12.60 -11.09 18.75
N LYS A 170 12.87 -11.23 20.05
CA LYS A 170 13.96 -12.10 20.55
CA LYS A 170 14.01 -12.05 20.48
C LYS A 170 13.92 -13.50 19.96
N ALA A 171 12.75 -14.14 20.08
CA ALA A 171 12.59 -15.51 19.59
C ALA A 171 12.90 -15.66 18.08
N SER A 172 12.69 -14.60 17.29
CA SER A 172 13.07 -14.60 15.85
C SER A 172 14.54 -14.22 15.67
#